data_8H5S
#
_entry.id   8H5S
#
_cell.length_a   97.903
_cell.length_b   106.389
_cell.length_c   81.204
_cell.angle_alpha   90.000
_cell.angle_beta   90.000
_cell.angle_gamma   90.000
#
_symmetry.space_group_name_H-M   'C 2 2 21'
#
loop_
_entity.id
_entity.type
_entity.pdbx_description
1 polymer Beta-phosphoglucomutase
2 non-polymer GLYCEROL
3 non-polymer 1,2-ETHANEDIOL
4 non-polymer 'CHLORIDE ION'
5 water water
#
_entity_poly.entity_id   1
_entity_poly.type   'polypeptide(L)'
_entity_poly.pdbx_seq_one_letter_code
;(MSE)GSSHHHHHHSQASLGLPEKVRACLFDLDGVLTDTASLHTKAWKA(MSE)FDAYLAERAERTGEKFVPFDPAADYH
TYVDGKKREDGVRSFLSSRAIEIPDGSPDDPGAAETVYGLGNRKND(MSE)LLKL(MSE)RDDGAQVFDGSRRYLEAVTA
AGLGVAVVSSSANTRDVLATTGLDRFVQQRVDGVTLREEHIAGKPAPDSF(MSE)RAAE(MSE)LGVTPDAAAVFEDALS
GVAAGRAGNFAVVVGINRTGRAAQAAQLRRHGADVVVTDLAELL
;
_entity_poly.pdbx_strand_id   A
#
# COMPACT_ATOMS: atom_id res chain seq x y z
N SER A 14 -15.49 -1.91 21.16
CA SER A 14 -14.78 -0.70 20.80
C SER A 14 -14.05 -0.87 19.48
N LEU A 15 -13.84 -2.14 19.09
CA LEU A 15 -13.08 -2.53 17.90
C LEU A 15 -11.67 -1.96 17.92
N GLY A 16 -11.17 -1.66 19.11
CA GLY A 16 -9.88 -1.02 19.24
C GLY A 16 -9.87 0.46 18.91
N LEU A 17 -11.03 1.08 18.76
CA LEU A 17 -11.10 2.45 18.27
C LEU A 17 -11.73 3.38 19.29
N PRO A 18 -11.26 4.64 19.34
CA PRO A 18 -11.93 5.65 20.16
C PRO A 18 -13.38 5.85 19.73
N GLU A 19 -14.20 6.31 20.68
CA GLU A 19 -15.62 6.48 20.41
C GLU A 19 -15.87 7.50 19.30
N LYS A 20 -14.98 8.47 19.12
CA LYS A 20 -15.21 9.49 18.11
C LYS A 20 -15.00 8.99 16.70
N VAL A 21 -14.41 7.81 16.50
CA VAL A 21 -14.17 7.30 15.15
C VAL A 21 -15.48 6.84 14.54
N ARG A 22 -15.80 7.37 13.35
CA ARG A 22 -17.02 7.02 12.64
C ARG A 22 -16.75 6.36 11.30
N ALA A 23 -15.47 6.20 10.91
CA ALA A 23 -15.15 5.60 9.62
C ALA A 23 -13.74 5.02 9.68
N CYS A 24 -13.53 3.97 8.86
CA CYS A 24 -12.27 3.24 8.79
C CYS A 24 -11.76 3.28 7.35
N LEU A 25 -10.46 3.58 7.20
N LEU A 25 -10.48 3.64 7.20
CA LEU A 25 -9.82 3.69 5.89
CA LEU A 25 -9.80 3.67 5.92
C LEU A 25 -8.69 2.66 5.82
C LEU A 25 -8.74 2.58 5.91
N PHE A 26 -8.84 1.65 4.96
CA PHE A 26 -7.93 0.52 4.88
C PHE A 26 -7.09 0.58 3.60
N ASP A 27 -5.79 0.32 3.73
CA ASP A 27 -5.01 -0.09 2.57
C ASP A 27 -5.48 -1.49 2.13
N LEU A 28 -5.09 -1.88 0.92
CA LEU A 28 -5.56 -3.15 0.36
C LEU A 28 -4.57 -4.28 0.59
N ASP A 29 -3.43 -4.22 -0.10
CA ASP A 29 -2.48 -5.33 -0.14
C ASP A 29 -1.75 -5.42 1.19
N GLY A 30 -1.86 -6.57 1.85
CA GLY A 30 -1.24 -6.77 3.14
C GLY A 30 -2.11 -6.40 4.32
N VAL A 31 -3.15 -5.59 4.11
CA VAL A 31 -4.07 -5.25 5.20
C VAL A 31 -5.33 -6.10 5.06
N LEU A 32 -6.01 -5.99 3.93
CA LEU A 32 -7.23 -6.77 3.70
C LEU A 32 -6.95 -8.08 2.97
N THR A 33 -6.15 -8.03 1.90
CA THR A 33 -5.87 -9.20 1.08
C THR A 33 -4.43 -9.64 1.22
N ASP A 34 -4.22 -10.95 1.08
CA ASP A 34 -2.89 -11.55 1.23
C ASP A 34 -2.17 -11.46 -0.12
N THR A 35 -1.89 -10.22 -0.50
CA THR A 35 -1.33 -9.91 -1.81
C THR A 35 -0.06 -9.08 -1.73
N ALA A 36 0.38 -8.70 -0.53
CA ALA A 36 1.61 -7.91 -0.43
C ALA A 36 2.81 -8.72 -0.88
N SER A 37 2.82 -10.03 -0.63
N SER A 37 2.83 -10.03 -0.62
CA SER A 37 3.97 -10.84 -1.05
CA SER A 37 3.96 -10.85 -1.05
C SER A 37 4.04 -10.96 -2.56
C SER A 37 4.04 -10.91 -2.57
N LEU A 38 2.89 -10.95 -3.25
CA LEU A 38 2.90 -10.95 -4.71
C LEU A 38 3.49 -9.67 -5.26
N HIS A 39 3.04 -8.52 -4.75
CA HIS A 39 3.62 -7.26 -5.17
C HIS A 39 5.11 -7.20 -4.87
N THR A 40 5.53 -7.67 -3.70
CA THR A 40 6.94 -7.65 -3.34
C THR A 40 7.75 -8.51 -4.29
N LYS A 41 7.25 -9.71 -4.61
CA LYS A 41 7.91 -10.58 -5.57
C LYS A 41 8.06 -9.89 -6.93
N ALA A 42 7.00 -9.21 -7.39
CA ALA A 42 7.06 -8.55 -8.69
C ALA A 42 8.04 -7.39 -8.67
N TRP A 43 8.03 -6.59 -7.60
CA TRP A 43 8.99 -5.49 -7.49
C TRP A 43 10.41 -6.02 -7.50
N LYS A 44 10.68 -7.06 -6.71
CA LYS A 44 12.05 -7.57 -6.62
C LYS A 44 12.52 -8.14 -7.95
N ALA A 45 11.67 -8.93 -8.61
CA ALA A 45 12.08 -9.57 -9.85
C ALA A 45 12.35 -8.51 -10.92
N PHE A 47 13.20 -5.25 -10.37
CA PHE A 47 14.37 -4.43 -10.05
C PHE A 47 15.66 -5.22 -10.14
N ASP A 48 15.66 -6.50 -9.75
CA ASP A 48 16.88 -7.30 -9.91
C ASP A 48 17.30 -7.36 -11.37
N ALA A 49 16.33 -7.61 -12.27
CA ALA A 49 16.67 -7.67 -13.69
C ALA A 49 17.13 -6.32 -14.21
N TYR A 50 16.43 -5.24 -13.84
CA TYR A 50 16.85 -3.91 -14.30
C TYR A 50 18.24 -3.57 -13.77
N LEU A 51 18.49 -3.80 -12.47
CA LEU A 51 19.80 -3.48 -11.90
C LEU A 51 20.90 -4.34 -12.51
N ALA A 52 20.62 -5.62 -12.78
CA ALA A 52 21.63 -6.46 -13.42
C ALA A 52 21.90 -5.99 -14.85
N GLU A 53 20.86 -5.59 -15.56
CA GLU A 53 21.04 -5.06 -16.91
C GLU A 53 21.83 -3.76 -16.88
N ARG A 54 21.59 -2.92 -15.87
CA ARG A 54 22.39 -1.72 -15.68
C ARG A 54 23.87 -2.07 -15.49
N ALA A 55 24.15 -3.02 -14.60
CA ALA A 55 25.53 -3.40 -14.31
C ALA A 55 26.22 -3.92 -15.56
N GLU A 56 25.47 -4.63 -16.41
CA GLU A 56 26.02 -5.07 -17.69
C GLU A 56 26.38 -3.89 -18.58
N ARG A 57 25.57 -2.83 -18.55
CA ARG A 57 25.83 -1.68 -19.42
C ARG A 57 26.97 -0.82 -18.89
N THR A 58 26.96 -0.53 -17.59
CA THR A 58 27.84 0.48 -17.02
C THR A 58 29.07 -0.08 -16.33
N GLY A 59 29.08 -1.37 -15.99
CA GLY A 59 30.13 -1.91 -15.17
C GLY A 59 30.01 -1.64 -13.68
N GLU A 60 28.93 -1.00 -13.25
CA GLU A 60 28.71 -0.69 -11.84
C GLU A 60 28.46 -1.98 -11.05
N LYS A 61 28.73 -1.94 -9.75
CA LYS A 61 28.53 -3.10 -8.90
C LYS A 61 27.05 -3.45 -8.80
N PHE A 62 26.72 -4.73 -9.01
CA PHE A 62 25.34 -5.18 -8.87
C PHE A 62 25.00 -5.44 -7.40
N VAL A 63 23.90 -4.83 -6.94
CA VAL A 63 23.39 -5.03 -5.59
C VAL A 63 21.90 -5.32 -5.71
N PRO A 64 21.44 -6.52 -5.34
CA PRO A 64 20.02 -6.86 -5.54
C PRO A 64 19.09 -6.01 -4.69
N PHE A 65 17.84 -5.97 -5.12
CA PHE A 65 16.73 -5.36 -4.38
C PHE A 65 16.40 -6.19 -3.14
N ASP A 66 16.43 -5.57 -1.96
CA ASP A 66 16.16 -6.27 -0.70
C ASP A 66 14.64 -6.29 -0.49
N PRO A 67 14.00 -7.46 -0.58
CA PRO A 67 12.52 -7.49 -0.47
C PRO A 67 12.01 -7.14 0.91
N ALA A 68 12.89 -7.04 1.91
CA ALA A 68 12.47 -6.51 3.21
C ALA A 68 12.74 -5.01 3.24
N ALA A 69 13.99 -4.62 3.50
CA ALA A 69 14.29 -3.21 3.78
C ALA A 69 13.99 -2.30 2.58
N ASP A 70 14.38 -2.69 1.36
CA ASP A 70 14.18 -1.78 0.23
C ASP A 70 12.71 -1.64 -0.11
N TYR A 71 11.95 -2.74 -0.06
CA TYR A 71 10.52 -2.66 -0.32
C TYR A 71 9.83 -1.83 0.76
N HIS A 72 10.08 -2.13 2.03
CA HIS A 72 9.35 -1.45 3.10
C HIS A 72 9.68 0.04 3.16
N THR A 73 10.94 0.41 2.88
CA THR A 73 11.33 1.81 3.01
C THR A 73 10.96 2.62 1.77
N TYR A 74 11.25 2.10 0.57
CA TYR A 74 11.20 2.94 -0.62
C TYR A 74 9.98 2.72 -1.50
N VAL A 75 9.32 1.56 -1.44
CA VAL A 75 8.33 1.18 -2.43
C VAL A 75 6.94 1.04 -1.81
N ASP A 76 6.85 0.35 -0.68
CA ASP A 76 5.59 -0.10 -0.09
C ASP A 76 4.62 1.06 0.08
N GLY A 77 3.40 0.88 -0.44
CA GLY A 77 2.30 1.84 -0.27
C GLY A 77 2.26 2.99 -1.27
N LYS A 78 3.36 3.27 -1.95
CA LYS A 78 3.45 4.48 -2.75
C LYS A 78 2.83 4.27 -4.13
N LYS A 79 2.41 5.38 -4.73
CA LYS A 79 2.08 5.41 -6.15
C LYS A 79 3.20 4.72 -6.93
N ARG A 80 2.81 3.89 -7.91
CA ARG A 80 3.78 3.00 -8.56
C ARG A 80 5.03 3.75 -9.02
N GLU A 81 4.84 4.87 -9.72
CA GLU A 81 5.99 5.59 -10.25
C GLU A 81 6.78 6.28 -9.15
N ASP A 82 6.13 6.65 -8.03
CA ASP A 82 6.89 7.17 -6.89
C ASP A 82 7.75 6.08 -6.29
N GLY A 83 7.24 4.85 -6.22
CA GLY A 83 8.05 3.73 -5.75
C GLY A 83 9.27 3.49 -6.61
N VAL A 84 9.10 3.55 -7.94
CA VAL A 84 10.25 3.43 -8.85
C VAL A 84 11.27 4.53 -8.55
N ARG A 85 10.84 5.79 -8.53
CA ARG A 85 11.79 6.88 -8.37
C ARG A 85 12.49 6.82 -7.01
N SER A 86 11.73 6.45 -5.97
CA SER A 86 12.30 6.43 -4.62
C SER A 86 13.35 5.35 -4.47
N PHE A 87 13.06 4.13 -4.95
CA PHE A 87 14.07 3.08 -4.85
C PHE A 87 15.29 3.44 -5.70
N LEU A 88 15.07 3.88 -6.93
CA LEU A 88 16.21 4.24 -7.77
C LEU A 88 17.07 5.32 -7.12
N SER A 89 16.42 6.33 -6.51
N SER A 89 16.43 6.33 -6.51
CA SER A 89 17.17 7.41 -5.86
CA SER A 89 17.20 7.40 -5.88
C SER A 89 18.04 6.87 -4.73
C SER A 89 18.02 6.89 -4.70
N SER A 90 17.55 5.85 -4.01
CA SER A 90 18.32 5.27 -2.91
C SER A 90 19.59 4.62 -3.41
N ARG A 91 19.66 4.31 -4.70
CA ARG A 91 20.85 3.76 -5.34
C ARG A 91 21.59 4.79 -6.18
N ALA A 92 21.24 6.07 -6.04
CA ALA A 92 21.86 7.17 -6.79
C ALA A 92 21.66 6.99 -8.29
N ILE A 93 20.49 6.48 -8.66
CA ILE A 93 20.08 6.29 -10.04
C ILE A 93 18.91 7.22 -10.31
N GLU A 94 18.97 7.95 -11.43
CA GLU A 94 17.80 8.69 -11.89
C GLU A 94 17.67 8.47 -13.39
N ILE A 95 16.44 8.20 -13.84
CA ILE A 95 16.16 7.99 -15.26
C ILE A 95 14.99 8.90 -15.64
N PRO A 96 14.78 9.12 -16.94
CA PRO A 96 13.65 9.97 -17.36
C PRO A 96 12.31 9.34 -17.00
N ASP A 97 11.32 10.19 -16.74
CA ASP A 97 9.99 9.66 -16.41
C ASP A 97 9.38 8.90 -17.58
N GLY A 98 9.57 9.40 -18.81
CA GLY A 98 8.90 8.76 -19.93
C GLY A 98 7.42 9.10 -19.98
N SER A 99 6.65 8.21 -20.61
CA SER A 99 5.21 8.39 -20.83
C SER A 99 4.46 7.19 -20.28
N PRO A 100 3.20 7.38 -19.86
CA PRO A 100 2.46 6.28 -19.20
C PRO A 100 2.35 5.01 -20.01
N ASP A 101 2.34 5.08 -21.35
CA ASP A 101 2.19 3.88 -22.15
C ASP A 101 3.54 3.30 -22.59
N ASP A 102 4.63 3.71 -21.97
CA ASP A 102 5.94 3.16 -22.32
C ASP A 102 5.94 1.63 -22.16
N PRO A 103 6.57 0.91 -23.08
CA PRO A 103 6.70 -0.54 -22.89
C PRO A 103 7.62 -0.86 -21.73
N GLY A 104 7.41 -2.05 -21.15
CA GLY A 104 8.24 -2.47 -20.03
C GLY A 104 9.72 -2.53 -20.35
N ALA A 105 10.09 -2.65 -21.63
CA ALA A 105 11.49 -2.67 -22.04
C ALA A 105 12.14 -1.29 -22.01
N ALA A 106 11.38 -0.22 -21.84
CA ALA A 106 11.95 1.13 -21.86
C ALA A 106 12.64 1.46 -20.55
N GLU A 107 13.75 2.18 -20.65
CA GLU A 107 14.46 2.66 -19.45
C GLU A 107 13.91 4.02 -19.04
N THR A 108 12.66 3.99 -18.58
CA THR A 108 11.96 5.17 -18.07
C THR A 108 11.24 4.76 -16.81
N VAL A 109 10.87 5.76 -15.99
CA VAL A 109 10.12 5.48 -14.77
C VAL A 109 8.82 4.77 -15.09
N TYR A 110 8.04 5.28 -16.05
CA TYR A 110 6.80 4.60 -16.42
C TYR A 110 7.07 3.23 -17.00
N GLY A 111 8.14 3.11 -17.80
CA GLY A 111 8.48 1.82 -18.37
C GLY A 111 8.74 0.77 -17.30
N LEU A 112 9.55 1.12 -16.29
N LEU A 112 9.56 1.11 -16.30
CA LEU A 112 9.84 0.18 -15.20
CA LEU A 112 9.84 0.16 -15.22
C LEU A 112 8.59 -0.16 -14.41
C LEU A 112 8.57 -0.17 -14.43
N GLY A 113 7.71 0.82 -14.20
CA GLY A 113 6.46 0.54 -13.50
C GLY A 113 5.59 -0.41 -14.29
N ASN A 114 5.55 -0.22 -15.61
CA ASN A 114 4.77 -1.12 -16.46
C ASN A 114 5.41 -2.51 -16.51
N ARG A 115 6.75 -2.56 -16.51
CA ARG A 115 7.46 -3.82 -16.42
C ARG A 115 7.07 -4.57 -15.15
N LYS A 116 7.03 -3.87 -14.01
CA LYS A 116 6.63 -4.52 -12.76
C LYS A 116 5.16 -4.94 -12.83
N ASN A 117 4.31 -4.10 -13.40
CA ASN A 117 2.89 -4.44 -13.46
C ASN A 117 2.66 -5.66 -14.35
N ASP A 118 3.41 -5.78 -15.46
CA ASP A 118 3.30 -6.96 -16.30
C ASP A 118 3.60 -8.22 -15.50
N LEU A 120 3.38 -8.53 -12.15
CA LEU A 120 2.34 -8.70 -11.14
C LEU A 120 1.11 -9.40 -11.74
N LEU A 121 0.67 -8.95 -12.91
CA LEU A 121 -0.49 -9.56 -13.54
C LEU A 121 -0.25 -11.03 -13.87
N LYS A 122 0.98 -11.37 -14.29
CA LYS A 122 1.33 -12.77 -14.50
C LYS A 122 1.20 -13.57 -13.21
N LEU A 123 1.69 -13.02 -12.10
CA LEU A 123 1.62 -13.75 -10.83
C LEU A 123 0.18 -13.82 -10.32
N ARG A 125 -2.78 -13.75 -12.06
CA ARG A 125 -3.65 -14.65 -12.80
C ARG A 125 -3.42 -16.10 -12.41
N ASP A 126 -2.20 -16.43 -11.97
CA ASP A 126 -1.93 -17.77 -11.47
C ASP A 126 -2.66 -18.03 -10.15
N ASP A 127 -2.39 -17.21 -9.14
CA ASP A 127 -2.95 -17.36 -7.80
C ASP A 127 -3.73 -16.08 -7.46
N GLY A 128 -5.06 -16.18 -7.51
CA GLY A 128 -5.90 -15.03 -7.26
C GLY A 128 -5.86 -14.56 -5.81
N ALA A 129 -6.39 -13.36 -5.60
CA ALA A 129 -6.29 -12.69 -4.31
C ALA A 129 -7.13 -13.41 -3.25
N GLN A 130 -6.52 -13.65 -2.10
CA GLN A 130 -7.19 -14.25 -0.95
C GLN A 130 -7.33 -13.21 0.16
N VAL A 131 -8.44 -13.28 0.88
CA VAL A 131 -8.69 -12.36 1.99
C VAL A 131 -8.10 -12.95 3.26
N PHE A 132 -7.47 -12.12 4.09
CA PHE A 132 -7.09 -12.57 5.42
C PHE A 132 -8.35 -12.80 6.24
N ASP A 133 -8.43 -13.97 6.88
N ASP A 133 -8.44 -13.96 6.88
CA ASP A 133 -9.62 -14.31 7.66
CA ASP A 133 -9.63 -14.29 7.65
C ASP A 133 -9.89 -13.27 8.74
C ASP A 133 -9.90 -13.25 8.74
N GLY A 134 -8.83 -12.79 9.40
CA GLY A 134 -9.01 -11.78 10.43
C GLY A 134 -9.48 -10.45 9.87
N SER A 135 -9.14 -10.15 8.62
CA SER A 135 -9.58 -8.91 8.00
C SER A 135 -11.06 -8.99 7.64
N ARG A 136 -11.50 -10.15 7.14
CA ARG A 136 -12.93 -10.35 6.91
C ARG A 136 -13.69 -10.19 8.21
N ARG A 137 -13.19 -10.79 9.30
CA ARG A 137 -13.87 -10.65 10.58
C ARG A 137 -13.95 -9.18 11.00
N TYR A 138 -12.86 -8.43 10.82
CA TYR A 138 -12.84 -7.05 11.26
C TYR A 138 -13.77 -6.18 10.41
N LEU A 139 -13.78 -6.40 9.09
CA LEU A 139 -14.72 -5.67 8.25
C LEU A 139 -16.16 -5.98 8.62
N GLU A 140 -16.48 -7.24 8.91
CA GLU A 140 -17.84 -7.57 9.35
C GLU A 140 -18.19 -6.82 10.63
N ALA A 141 -17.24 -6.72 11.56
CA ALA A 141 -17.49 -6.06 12.83
C ALA A 141 -17.69 -4.56 12.65
N VAL A 142 -16.83 -3.92 11.87
CA VAL A 142 -16.98 -2.48 11.69
CA VAL A 142 -16.94 -2.47 11.63
C VAL A 142 -18.27 -2.16 10.93
N THR A 143 -18.64 -3.01 9.96
CA THR A 143 -19.89 -2.82 9.23
C THR A 143 -21.10 -3.01 10.13
N ALA A 144 -21.06 -4.02 11.00
CA ALA A 144 -22.17 -4.25 11.92
C ALA A 144 -22.31 -3.08 12.89
N ALA A 145 -21.21 -2.43 13.24
CA ALA A 145 -21.22 -1.25 14.10
C ALA A 145 -21.67 0.00 13.36
N GLY A 146 -21.90 -0.07 12.06
CA GLY A 146 -22.40 1.08 11.32
C GLY A 146 -21.34 2.12 10.97
N LEU A 147 -20.06 1.75 11.00
CA LEU A 147 -18.99 2.66 10.63
C LEU A 147 -18.77 2.67 9.12
N GLY A 148 -18.43 3.83 8.58
CA GLY A 148 -18.10 3.91 7.16
C GLY A 148 -16.78 3.21 6.87
N VAL A 149 -16.66 2.70 5.64
CA VAL A 149 -15.47 1.96 5.21
C VAL A 149 -15.01 2.47 3.85
N ALA A 150 -13.74 2.84 3.75
CA ALA A 150 -13.11 3.13 2.47
C ALA A 150 -11.85 2.29 2.33
N VAL A 151 -11.46 2.03 1.09
CA VAL A 151 -10.16 1.44 0.77
C VAL A 151 -9.34 2.50 0.05
N VAL A 152 -8.10 2.72 0.53
CA VAL A 152 -7.18 3.72 -0.02
C VAL A 152 -5.88 2.98 -0.33
N SER A 153 -5.64 2.73 -1.61
N SER A 153 -5.62 2.73 -1.61
CA SER A 153 -4.52 1.92 -2.06
CA SER A 153 -4.48 1.90 -1.99
C SER A 153 -3.88 2.58 -3.27
C SER A 153 -3.91 2.34 -3.33
N SER A 154 -2.58 2.35 -3.44
CA SER A 154 -1.93 2.76 -4.67
C SER A 154 -2.15 1.78 -5.82
N SER A 155 -2.65 0.58 -5.55
CA SER A 155 -2.73 -0.44 -6.59
C SER A 155 -3.81 -0.09 -7.61
N ALA A 156 -3.45 -0.16 -8.89
CA ALA A 156 -4.41 0.11 -9.95
C ALA A 156 -5.50 -0.95 -10.03
N ASN A 157 -5.26 -2.16 -9.53
CA ASN A 157 -6.23 -3.26 -9.66
C ASN A 157 -7.18 -3.36 -8.48
N THR A 158 -7.21 -2.34 -7.61
CA THR A 158 -7.99 -2.42 -6.37
C THR A 158 -9.45 -2.73 -6.64
N ARG A 159 -10.07 -2.06 -7.62
CA ARG A 159 -11.48 -2.32 -7.90
C ARG A 159 -11.71 -3.79 -8.22
N ASP A 160 -10.87 -4.36 -9.08
CA ASP A 160 -11.02 -5.75 -9.47
C ASP A 160 -10.80 -6.69 -8.28
N VAL A 161 -9.79 -6.41 -7.45
CA VAL A 161 -9.52 -7.26 -6.30
C VAL A 161 -10.71 -7.24 -5.34
N LEU A 162 -11.25 -6.04 -5.06
CA LEU A 162 -12.40 -5.98 -4.16
C LEU A 162 -13.61 -6.71 -4.74
N ALA A 163 -13.73 -6.72 -6.08
CA ALA A 163 -14.85 -7.40 -6.71
C ALA A 163 -14.71 -8.91 -6.63
N THR A 164 -13.56 -9.45 -7.05
CA THR A 164 -13.41 -10.91 -7.08
C THR A 164 -13.40 -11.52 -5.69
N THR A 165 -12.86 -10.81 -4.69
CA THR A 165 -12.89 -11.31 -3.31
C THR A 165 -14.24 -11.12 -2.65
N GLY A 166 -15.11 -10.28 -3.20
CA GLY A 166 -16.36 -9.96 -2.57
C GLY A 166 -16.25 -8.97 -1.43
N LEU A 167 -15.07 -8.40 -1.18
CA LEU A 167 -14.93 -7.41 -0.13
C LEU A 167 -15.62 -6.11 -0.49
N ASP A 168 -15.95 -5.90 -1.77
CA ASP A 168 -16.62 -4.66 -2.15
C ASP A 168 -17.97 -4.50 -1.46
N ARG A 169 -18.55 -5.59 -0.96
CA ARG A 169 -19.81 -5.45 -0.24
C ARG A 169 -19.64 -4.70 1.08
N PHE A 170 -18.42 -4.64 1.63
CA PHE A 170 -18.15 -3.93 2.86
C PHE A 170 -17.65 -2.50 2.66
N VAL A 171 -17.36 -2.10 1.42
CA VAL A 171 -16.59 -0.88 1.14
C VAL A 171 -17.50 0.13 0.44
N GLN A 172 -17.62 1.33 1.03
CA GLN A 172 -18.48 2.31 0.39
C GLN A 172 -17.73 3.26 -0.53
N GLN A 173 -16.46 3.52 -0.26
CA GLN A 173 -15.69 4.48 -1.04
C GLN A 173 -14.31 3.92 -1.35
N ARG A 174 -13.77 4.27 -2.52
CA ARG A 174 -12.50 3.72 -2.97
C ARG A 174 -11.64 4.83 -3.57
N VAL A 175 -10.40 4.95 -3.11
CA VAL A 175 -9.40 5.81 -3.71
C VAL A 175 -8.22 4.92 -4.06
N ASP A 176 -8.04 4.61 -5.34
CA ASP A 176 -7.01 3.64 -5.70
C ASP A 176 -6.04 4.23 -6.72
N GLY A 177 -5.23 3.35 -7.33
CA GLY A 177 -4.21 3.83 -8.25
C GLY A 177 -4.79 4.53 -9.46
N VAL A 178 -5.99 4.15 -9.88
CA VAL A 178 -6.67 4.86 -10.95
C VAL A 178 -7.09 6.25 -10.47
N THR A 179 -7.66 6.33 -9.27
CA THR A 179 -8.05 7.62 -8.72
C THR A 179 -6.88 8.58 -8.64
N LEU A 180 -5.73 8.09 -8.16
CA LEU A 180 -4.57 8.96 -8.05
C LEU A 180 -4.18 9.55 -9.40
N ARG A 181 -4.26 8.73 -10.45
CA ARG A 181 -3.89 9.19 -11.78
C ARG A 181 -4.92 10.15 -12.34
N GLU A 182 -6.20 9.81 -12.21
CA GLU A 182 -7.25 10.57 -12.87
C GLU A 182 -7.59 11.86 -12.14
N GLU A 183 -7.48 11.88 -10.82
CA GLU A 183 -7.74 13.09 -10.05
C GLU A 183 -6.47 13.83 -9.65
N HIS A 184 -5.30 13.35 -10.10
CA HIS A 184 -4.02 13.99 -9.83
C HIS A 184 -3.79 14.20 -8.33
N ILE A 185 -3.91 13.11 -7.57
CA ILE A 185 -3.75 13.13 -6.13
C ILE A 185 -2.35 12.66 -5.78
N ALA A 186 -1.66 13.39 -4.90
CA ALA A 186 -0.35 12.94 -4.44
C ALA A 186 -0.50 11.68 -3.60
N GLY A 187 0.40 10.73 -3.82
CA GLY A 187 0.34 9.47 -3.10
C GLY A 187 1.01 9.54 -1.75
N LYS A 188 0.92 8.42 -1.03
CA LYS A 188 1.59 8.28 0.26
C LYS A 188 3.10 8.51 0.08
N PRO A 189 3.76 9.15 1.05
CA PRO A 189 3.29 9.52 2.39
C PRO A 189 2.52 10.83 2.48
N ALA A 190 2.17 11.50 1.39
CA ALA A 190 1.24 12.62 1.51
C ALA A 190 -0.08 12.12 2.06
N PRO A 191 -0.77 12.92 2.88
CA PRO A 191 -2.06 12.50 3.43
C PRO A 191 -3.23 12.62 2.46
N ASP A 192 -2.98 13.16 1.25
CA ASP A 192 -4.04 13.64 0.37
C ASP A 192 -5.02 12.53 0.00
N SER A 193 -4.55 11.31 -0.22
CA SER A 193 -5.46 10.26 -0.66
C SER A 193 -6.37 9.79 0.47
N PHE A 194 -5.86 9.75 1.71
CA PHE A 194 -6.73 9.47 2.85
C PHE A 194 -7.73 10.60 3.07
N ARG A 196 -8.99 12.58 0.78
CA ARG A 196 -10.02 12.44 -0.25
C ARG A 196 -11.03 11.37 0.14
N ALA A 197 -10.56 10.24 0.67
CA ALA A 197 -11.48 9.19 1.08
C ALA A 197 -12.36 9.64 2.24
N ALA A 198 -11.77 10.32 3.23
CA ALA A 198 -12.57 10.83 4.35
C ALA A 198 -13.65 11.76 3.84
N GLU A 199 -13.30 12.63 2.90
CA GLU A 199 -14.27 13.54 2.29
C GLU A 199 -15.39 12.78 1.60
N LEU A 201 -16.43 9.85 2.32
CA LEU A 201 -17.21 9.24 3.39
C LEU A 201 -18.00 10.26 4.21
N GLY A 202 -17.78 11.55 4.01
CA GLY A 202 -18.49 12.55 4.79
C GLY A 202 -18.00 12.70 6.22
N VAL A 203 -16.74 12.38 6.49
CA VAL A 203 -16.16 12.52 7.83
C VAL A 203 -14.89 13.34 7.74
N THR A 204 -14.49 13.91 8.87
CA THR A 204 -13.20 14.57 9.00
C THR A 204 -12.15 13.60 9.51
N PRO A 205 -10.86 13.89 9.31
CA PRO A 205 -9.83 12.96 9.78
C PRO A 205 -9.88 12.71 11.27
N ASP A 206 -10.33 13.68 12.09
CA ASP A 206 -10.38 13.42 13.51
C ASP A 206 -11.53 12.49 13.90
N ALA A 207 -12.33 12.05 12.93
CA ALA A 207 -13.37 11.04 13.14
C ALA A 207 -13.08 9.78 12.32
N ALA A 208 -11.85 9.57 11.90
CA ALA A 208 -11.52 8.45 11.02
C ALA A 208 -10.28 7.73 11.50
N ALA A 209 -10.27 6.42 11.28
CA ALA A 209 -9.13 5.56 11.59
C ALA A 209 -8.48 5.09 10.29
N VAL A 210 -7.15 4.93 10.34
CA VAL A 210 -6.36 4.48 9.19
C VAL A 210 -5.72 3.14 9.55
N PHE A 211 -5.76 2.20 8.61
CA PHE A 211 -5.22 0.85 8.80
C PHE A 211 -4.23 0.57 7.68
N GLU A 212 -2.95 0.42 8.02
CA GLU A 212 -1.88 0.43 7.04
C GLU A 212 -0.78 -0.56 7.41
N ASP A 213 -0.26 -1.27 6.42
CA ASP A 213 0.97 -2.01 6.64
C ASP A 213 2.19 -1.30 6.07
N ALA A 214 2.01 -0.24 5.29
CA ALA A 214 3.13 0.46 4.68
C ALA A 214 3.61 1.61 5.56
N LEU A 215 4.93 1.73 5.71
CA LEU A 215 5.49 2.87 6.43
C LEU A 215 5.02 4.19 5.81
N SER A 216 4.99 4.28 4.47
CA SER A 216 4.54 5.51 3.83
C SER A 216 3.10 5.81 4.20
N GLY A 217 2.28 4.79 4.39
CA GLY A 217 0.87 4.97 4.70
C GLY A 217 0.65 5.41 6.13
N VAL A 218 1.43 4.87 7.07
N VAL A 218 1.43 4.84 7.04
CA VAL A 218 1.24 5.33 8.45
CA VAL A 218 1.36 5.26 8.43
C VAL A 218 1.78 6.76 8.60
C VAL A 218 1.76 6.72 8.54
N ALA A 219 2.82 7.12 7.83
CA ALA A 219 3.25 8.52 7.84
C ALA A 219 2.17 9.41 7.26
N ALA A 220 1.47 8.94 6.22
CA ALA A 220 0.36 9.71 5.65
C ALA A 220 -0.76 9.90 6.66
N GLY A 221 -1.08 8.84 7.41
CA GLY A 221 -2.11 8.96 8.43
C GLY A 221 -1.74 9.94 9.52
N ARG A 222 -0.48 9.91 9.96
CA ARG A 222 -0.02 10.88 10.95
C ARG A 222 -0.06 12.30 10.38
N ALA A 223 0.41 12.47 9.14
CA ALA A 223 0.42 13.79 8.52
C ALA A 223 -0.99 14.35 8.36
N GLY A 224 -1.98 13.49 8.19
CA GLY A 224 -3.36 13.93 8.08
C GLY A 224 -4.08 14.15 9.39
N ASN A 225 -3.40 13.92 10.52
CA ASN A 225 -3.98 14.07 11.86
C ASN A 225 -5.22 13.19 12.02
N PHE A 226 -5.13 11.95 11.56
CA PHE A 226 -6.26 11.03 11.72
C PHE A 226 -6.37 10.59 13.19
N ALA A 227 -7.60 10.26 13.58
CA ALA A 227 -7.88 10.00 14.99
C ALA A 227 -7.04 8.85 15.54
N VAL A 228 -6.83 7.81 14.74
CA VAL A 228 -5.98 6.71 15.13
C VAL A 228 -5.36 6.14 13.86
N VAL A 229 -4.08 5.79 13.96
CA VAL A 229 -3.34 5.18 12.86
C VAL A 229 -2.91 3.81 13.34
N VAL A 230 -3.43 2.77 12.69
CA VAL A 230 -3.20 1.38 13.09
C VAL A 230 -2.23 0.78 12.07
N GLY A 231 -1.05 0.40 12.53
CA GLY A 231 -0.09 -0.27 11.66
C GLY A 231 -0.27 -1.78 11.77
N ILE A 232 -0.05 -2.47 10.65
CA ILE A 232 -0.15 -3.92 10.59
C ILE A 232 1.23 -4.48 10.26
N ASN A 233 1.72 -5.38 11.12
CA ASN A 233 3.03 -6.02 10.94
C ASN A 233 2.86 -7.52 10.80
N ARG A 234 3.01 -8.03 9.57
CA ARG A 234 2.95 -9.47 9.33
C ARG A 234 4.33 -10.09 9.11
N THR A 235 5.41 -9.34 9.35
CA THR A 235 6.75 -9.85 9.05
C THR A 235 7.26 -10.81 10.09
N GLY A 236 6.63 -10.84 11.28
CA GLY A 236 7.16 -11.62 12.37
C GLY A 236 8.42 -11.07 13.00
N ARG A 237 8.82 -9.85 12.64
CA ARG A 237 10.06 -9.27 13.14
C ARG A 237 9.77 -7.96 13.86
N ALA A 238 10.44 -7.76 14.99
CA ALA A 238 10.21 -6.56 15.80
C ALA A 238 10.61 -5.29 15.06
N ALA A 239 11.57 -5.37 14.14
CA ALA A 239 12.10 -4.18 13.49
C ALA A 239 11.02 -3.43 12.70
N GLN A 240 10.15 -4.15 11.99
CA GLN A 240 9.11 -3.45 11.24
C GLN A 240 8.08 -2.84 12.17
N ALA A 241 7.77 -3.50 13.29
CA ALA A 241 6.84 -2.89 14.25
C ALA A 241 7.40 -1.58 14.79
N ALA A 242 8.69 -1.57 15.13
CA ALA A 242 9.34 -0.33 15.58
C ALA A 242 9.25 0.75 14.51
N GLN A 243 9.51 0.39 13.25
CA GLN A 243 9.43 1.39 12.18
C GLN A 243 8.02 1.92 12.01
N LEU A 244 7.01 1.04 12.14
CA LEU A 244 5.64 1.50 12.01
C LEU A 244 5.31 2.51 13.11
N ARG A 245 5.72 2.23 14.35
CA ARG A 245 5.48 3.19 15.43
C ARG A 245 6.26 4.49 15.19
N ARG A 246 7.52 4.39 14.76
CA ARG A 246 8.33 5.60 14.55
C ARG A 246 7.76 6.46 13.43
N HIS A 247 7.08 5.84 12.47
CA HIS A 247 6.49 6.57 11.35
C HIS A 247 5.10 7.10 11.66
N GLY A 248 4.55 6.82 12.83
CA GLY A 248 3.32 7.45 13.26
C GLY A 248 2.19 6.54 13.68
N ALA A 249 2.41 5.23 13.74
CA ALA A 249 1.34 4.33 14.16
C ALA A 249 1.11 4.46 15.67
N ASP A 250 -0.16 4.63 16.04
CA ASP A 250 -0.59 4.65 17.43
C ASP A 250 -0.72 3.23 17.99
N VAL A 251 -1.15 2.32 17.14
CA VAL A 251 -1.41 0.92 17.46
C VAL A 251 -0.68 0.10 16.42
N VAL A 252 -0.08 -1.01 16.82
CA VAL A 252 0.45 -1.98 15.86
C VAL A 252 -0.13 -3.35 16.19
N VAL A 253 -0.68 -4.02 15.18
CA VAL A 253 -1.22 -5.37 15.34
C VAL A 253 -0.54 -6.28 14.33
N THR A 254 -0.51 -7.58 14.63
CA THR A 254 -0.07 -8.54 13.63
C THR A 254 -1.21 -9.02 12.75
N ASP A 255 -2.45 -8.71 13.14
CA ASP A 255 -3.63 -9.09 12.39
C ASP A 255 -4.81 -8.31 12.97
N LEU A 256 -5.75 -7.94 12.11
CA LEU A 256 -6.87 -7.12 12.58
C LEU A 256 -7.70 -7.84 13.63
N ALA A 257 -7.68 -9.18 13.66
CA ALA A 257 -8.45 -9.90 14.67
C ALA A 257 -7.96 -9.60 16.09
N GLU A 258 -6.73 -9.09 16.24
N GLU A 258 -6.73 -9.11 16.22
CA GLU A 258 -6.21 -8.70 17.55
CA GLU A 258 -6.22 -8.68 17.52
C GLU A 258 -6.95 -7.51 18.15
C GLU A 258 -7.14 -7.67 18.18
N LEU A 259 -7.81 -6.84 17.38
CA LEU A 259 -8.63 -5.75 17.87
C LEU A 259 -10.05 -6.17 18.21
N LEU A 260 -10.41 -7.44 18.05
CA LEU A 260 -11.77 -7.89 18.28
C LEU A 260 -11.96 -8.49 19.67
#